data_8UYZ
#
_entry.id   8UYZ
#
_cell.length_a   1.00
_cell.length_b   1.00
_cell.length_c   1.00
_cell.angle_alpha   90.00
_cell.angle_beta   90.00
_cell.angle_gamma   90.00
#
_symmetry.space_group_name_H-M   'P 1'
#
_entity_poly.entity_id   1
_entity_poly.type   'polypeptide(L)'
_entity_poly.pdbx_seq_one_letter_code
;MDIDPYKEFGATVELLSFLPSDFFPSVRDLLDTAAALYRDALESPEHCSPHHTALRQAILCWGDLMTLATWVGTNLEDPA
SRDLVVSYVNTNVGLKFRQLLWFHISCLTFGRETVLEYLVSFGVWIRTPPAYRPPNAPILSTLPETTVVRRRGRSPRRRT
PSPRRRRSQSPRRRRSQSREPQC
;
_entity_poly.pdbx_strand_id   A,B,C,D
#
# COMPACT_ATOMS: atom_id res chain seq x y z
N MET A 1 -4.58 -5.65 2.99
CA MET A 1 -5.86 -5.60 3.74
C MET A 1 -7.01 -6.18 2.91
N ASP A 2 -7.37 -5.48 1.85
CA ASP A 2 -8.55 -5.83 1.05
C ASP A 2 -8.24 -6.87 -0.02
N ILE A 3 -7.67 -8.00 0.39
CA ILE A 3 -7.55 -9.13 -0.52
C ILE A 3 -8.92 -9.76 -0.72
N ASP A 4 -9.21 -10.17 -1.94
CA ASP A 4 -10.47 -10.81 -2.27
C ASP A 4 -10.26 -12.30 -2.46
N PRO A 5 -10.89 -13.17 -1.65
CA PRO A 5 -10.60 -14.60 -1.75
C PRO A 5 -10.91 -15.21 -3.11
N TYR A 6 -11.97 -14.75 -3.79
CA TYR A 6 -12.42 -15.37 -5.03
C TYR A 6 -11.87 -14.69 -6.26
N LYS A 7 -11.19 -13.55 -6.12
CA LYS A 7 -10.76 -12.79 -7.29
C LYS A 7 -9.88 -13.61 -8.21
N GLU A 8 -8.95 -14.38 -7.64
CA GLU A 8 -8.02 -15.16 -8.46
C GLU A 8 -8.74 -16.24 -9.25
N PHE A 9 -9.99 -16.54 -8.92
CA PHE A 9 -10.81 -17.52 -9.68
C PHE A 9 -11.69 -16.70 -10.60
N GLY A 10 -12.83 -17.23 -11.05
CA GLY A 10 -13.69 -16.53 -12.02
C GLY A 10 -14.88 -15.85 -11.36
N ALA A 11 -14.99 -15.93 -10.03
CA ALA A 11 -16.08 -15.29 -9.25
C ALA A 11 -15.47 -14.26 -8.30
N THR A 12 -16.30 -13.48 -7.60
CA THR A 12 -15.84 -12.45 -6.62
C THR A 12 -16.78 -12.43 -5.42
N VAL A 13 -16.60 -11.50 -4.49
CA VAL A 13 -17.48 -11.36 -3.29
C VAL A 13 -18.82 -10.77 -3.73
N GLU A 14 -18.81 -9.65 -4.46
CA GLU A 14 -20.03 -9.03 -4.96
C GLU A 14 -20.79 -9.96 -5.91
N LEU A 15 -20.07 -10.69 -6.77
CA LEU A 15 -20.73 -11.63 -7.65
C LEU A 15 -21.44 -12.73 -6.87
N LEU A 16 -20.78 -13.22 -5.81
CA LEU A 16 -21.34 -14.30 -4.96
C LEU A 16 -22.36 -13.71 -3.98
N SER A 17 -22.57 -12.40 -3.95
CA SER A 17 -23.61 -11.81 -3.13
C SER A 17 -25.01 -12.14 -3.63
N PHE A 18 -25.15 -12.57 -4.88
CA PHE A 18 -26.46 -12.90 -5.43
C PHE A 18 -27.12 -14.00 -4.62
N LEU A 19 -26.38 -15.06 -4.32
CA LEU A 19 -26.98 -16.25 -3.71
C LEU A 19 -27.40 -15.94 -2.29
N PRO A 20 -28.66 -16.18 -1.91
CA PRO A 20 -29.11 -15.83 -0.56
C PRO A 20 -28.28 -16.53 0.50
N SER A 21 -28.39 -16.01 1.73
CA SER A 21 -27.66 -16.59 2.85
C SER A 21 -28.15 -17.99 3.21
N ASP A 22 -29.46 -18.24 3.11
CA ASP A 22 -30.03 -19.54 3.47
C ASP A 22 -29.89 -20.56 2.35
N PHE A 23 -29.39 -20.17 1.19
CA PHE A 23 -29.22 -21.11 0.08
C PHE A 23 -28.04 -22.04 0.34
N PHE A 24 -26.96 -21.52 0.90
CA PHE A 24 -25.76 -22.32 1.06
C PHE A 24 -25.99 -23.45 2.05
N PRO A 25 -25.27 -24.56 1.94
CA PRO A 25 -25.50 -25.68 2.86
C PRO A 25 -24.77 -25.48 4.17
N SER A 26 -25.00 -26.39 5.13
CA SER A 26 -24.32 -26.35 6.45
C SER A 26 -22.85 -26.78 6.32
N VAL A 27 -21.98 -26.22 7.15
CA VAL A 27 -20.53 -26.55 7.16
C VAL A 27 -20.33 -28.05 7.39
N ARG A 28 -21.13 -28.65 8.26
CA ARG A 28 -21.08 -30.11 8.50
C ARG A 28 -21.37 -30.82 7.18
N ASP A 29 -22.42 -30.39 6.46
CA ASP A 29 -22.80 -31.00 5.15
C ASP A 29 -21.59 -30.96 4.22
N LEU A 30 -21.01 -29.78 4.01
CA LEU A 30 -19.85 -29.61 3.10
C LEU A 30 -18.70 -30.51 3.57
N LEU A 31 -18.40 -30.52 4.88
CA LEU A 31 -17.29 -31.34 5.44
C LEU A 31 -17.52 -32.80 5.06
N ASP A 32 -18.74 -33.32 5.28
CA ASP A 32 -19.09 -34.73 5.00
C ASP A 32 -18.94 -35.00 3.50
N THR A 33 -19.46 -34.12 2.65
CA THR A 33 -19.39 -34.30 1.17
C THR A 33 -17.92 -34.40 0.77
N ALA A 34 -17.05 -33.58 1.37
CA ALA A 34 -15.60 -33.58 1.09
C ALA A 34 -15.01 -34.93 1.53
N ALA A 35 -15.24 -35.34 2.77
CA ALA A 35 -14.71 -36.62 3.30
C ALA A 35 -15.18 -37.76 2.40
N ALA A 36 -16.32 -37.59 1.70
CA ALA A 36 -16.92 -38.64 0.85
C ALA A 36 -16.31 -38.67 -0.56
N LEU A 37 -16.10 -37.52 -1.20
CA LEU A 37 -15.62 -37.48 -2.62
C LEU A 37 -14.12 -37.24 -2.70
N TYR A 38 -13.62 -36.22 -1.98
CA TYR A 38 -12.19 -35.81 -1.98
C TYR A 38 -11.59 -36.00 -0.59
N ARG A 39 -11.10 -37.20 -0.26
CA ARG A 39 -10.42 -37.46 1.05
C ARG A 39 -8.91 -37.57 0.81
N ASP A 40 -8.49 -37.89 -0.43
CA ASP A 40 -7.05 -38.00 -0.78
C ASP A 40 -6.65 -36.80 -1.63
N ALA A 41 -7.60 -36.09 -2.25
CA ALA A 41 -7.33 -34.90 -3.07
C ALA A 41 -6.71 -33.82 -2.17
N LEU A 42 -7.04 -33.89 -0.88
CA LEU A 42 -6.55 -32.94 0.12
C LEU A 42 -5.52 -33.64 1.01
N GLU A 43 -4.85 -34.67 0.50
CA GLU A 43 -3.81 -35.43 1.25
C GLU A 43 -2.78 -36.06 0.29
N SER A 44 -2.84 -35.74 -1.01
CA SER A 44 -1.95 -36.35 -2.04
C SER A 44 -0.55 -35.80 -1.90
N PRO A 45 0.55 -36.49 -2.30
CA PRO A 45 1.90 -35.95 -2.08
C PRO A 45 2.00 -34.45 -2.40
N GLU A 46 1.45 -34.00 -3.53
CA GLU A 46 1.51 -32.58 -3.98
C GLU A 46 0.14 -32.13 -4.45
N HIS A 47 -0.17 -30.83 -4.35
CA HIS A 47 -1.48 -30.26 -4.78
C HIS A 47 -1.65 -30.43 -6.30
N CYS A 48 -2.87 -30.61 -6.79
CA CYS A 48 -3.16 -30.85 -8.23
C CYS A 48 -3.67 -29.58 -8.90
N SER A 49 -4.46 -28.77 -8.19
CA SER A 49 -5.05 -27.55 -8.74
C SER A 49 -5.13 -26.51 -7.64
N PRO A 50 -5.18 -25.22 -7.99
CA PRO A 50 -5.35 -24.21 -6.93
C PRO A 50 -6.61 -24.40 -6.11
N HIS A 51 -7.65 -25.00 -6.70
CA HIS A 51 -8.86 -25.29 -5.95
C HIS A 51 -8.57 -26.21 -4.77
N HIS A 52 -7.73 -27.22 -4.98
CA HIS A 52 -7.39 -28.12 -3.89
C HIS A 52 -6.67 -27.36 -2.77
N THR A 53 -5.71 -26.51 -3.12
CA THR A 53 -4.99 -25.74 -2.11
C THR A 53 -5.95 -24.84 -1.32
N ALA A 54 -6.82 -24.12 -2.02
CA ALA A 54 -7.74 -23.23 -1.34
C ALA A 54 -8.73 -24.01 -0.47
N LEU A 55 -9.22 -25.15 -0.95
CA LEU A 55 -10.11 -25.96 -0.14
C LEU A 55 -9.41 -26.44 1.13
N ARG A 56 -8.15 -26.87 1.00
CA ARG A 56 -7.40 -27.34 2.17
C ARG A 56 -7.21 -26.22 3.18
N GLN A 57 -6.88 -25.02 2.70
CA GLN A 57 -6.77 -23.88 3.60
C GLN A 57 -8.10 -23.61 4.29
N ALA A 58 -9.21 -23.74 3.55
CA ALA A 58 -10.53 -23.55 4.14
C ALA A 58 -10.78 -24.57 5.25
N ILE A 59 -10.41 -25.83 5.02
CA ILE A 59 -10.62 -26.83 6.07
C ILE A 59 -9.80 -26.46 7.30
N LEU A 60 -8.56 -26.02 7.11
CA LEU A 60 -7.75 -25.65 8.27
C LEU A 60 -8.39 -24.51 9.05
N CYS A 61 -8.82 -23.48 8.34
CA CYS A 61 -9.39 -22.31 9.02
C CYS A 61 -10.65 -22.70 9.77
N TRP A 62 -11.52 -23.50 9.14
CA TRP A 62 -12.73 -23.92 9.84
C TRP A 62 -12.41 -24.83 11.02
N GLY A 63 -11.36 -25.65 10.90
CA GLY A 63 -10.95 -26.43 12.06
C GLY A 63 -10.48 -25.54 13.20
N ASP A 64 -9.74 -24.49 12.88
CA ASP A 64 -9.34 -23.53 13.91
C ASP A 64 -10.57 -22.94 14.59
N LEU A 65 -11.59 -22.55 13.85
CA LEU A 65 -12.74 -21.90 14.53
C LEU A 65 -13.58 -22.98 15.21
N MET A 66 -13.55 -24.24 14.78
CA MET A 66 -14.23 -25.30 15.51
C MET A 66 -13.57 -25.55 16.86
N THR A 67 -12.24 -25.65 16.88
CA THR A 67 -11.53 -25.82 18.14
C THR A 67 -11.72 -24.61 19.05
N LEU A 68 -11.79 -23.41 18.48
CA LEU A 68 -12.11 -22.24 19.31
C LEU A 68 -13.46 -22.42 19.98
N ALA A 69 -14.45 -22.89 19.21
CA ALA A 69 -15.78 -23.09 19.78
C ALA A 69 -15.76 -24.13 20.89
N THR A 70 -15.08 -25.26 20.67
CA THR A 70 -15.01 -26.27 21.73
C THR A 70 -14.31 -25.73 22.96
N TRP A 71 -13.23 -24.97 22.78
CA TRP A 71 -12.51 -24.40 23.91
C TRP A 71 -13.41 -23.44 24.69
N VAL A 72 -14.20 -22.64 23.98
CA VAL A 72 -15.13 -21.73 24.65
C VAL A 72 -16.15 -22.54 25.44
N GLY A 73 -16.69 -23.59 24.84
CA GLY A 73 -17.64 -24.43 25.56
C GLY A 73 -17.05 -25.00 26.85
N THR A 74 -15.77 -25.40 26.80
CA THR A 74 -15.14 -25.99 27.97
C THR A 74 -14.83 -24.95 29.04
N ASN A 75 -14.34 -23.79 28.63
CA ASN A 75 -13.72 -22.85 29.56
C ASN A 75 -14.65 -21.76 30.07
N LEU A 76 -15.57 -21.26 29.24
CA LEU A 76 -16.42 -20.15 29.63
C LEU A 76 -17.60 -20.69 30.43
N GLU A 77 -17.47 -20.62 31.76
CA GLU A 77 -18.53 -21.12 32.63
C GLU A 77 -19.81 -20.32 32.45
N ASP A 78 -19.71 -19.01 32.28
CA ASP A 78 -20.88 -18.15 32.16
C ASP A 78 -21.77 -18.65 31.04
N PRO A 79 -22.95 -19.23 31.34
CA PRO A 79 -23.76 -19.80 30.25
C PRO A 79 -24.15 -18.79 29.18
N ALA A 80 -24.46 -17.55 29.57
CA ALA A 80 -24.88 -16.56 28.58
C ALA A 80 -23.75 -16.26 27.59
N SER A 81 -22.53 -16.07 28.11
CA SER A 81 -21.40 -15.77 27.24
C SER A 81 -21.08 -16.95 26.33
N ARG A 82 -21.14 -18.16 26.90
CA ARG A 82 -20.86 -19.41 26.14
C ARG A 82 -21.88 -19.53 25.00
N ASP A 83 -23.16 -19.26 25.27
CA ASP A 83 -24.19 -19.31 24.24
C ASP A 83 -23.97 -18.23 23.18
N LEU A 84 -23.62 -17.02 23.61
CA LEU A 84 -23.40 -15.93 22.66
C LEU A 84 -22.25 -16.27 21.72
N VAL A 85 -21.14 -16.78 22.25
CA VAL A 85 -19.98 -17.04 21.41
C VAL A 85 -20.23 -18.21 20.47
N VAL A 86 -20.88 -19.27 20.96
CA VAL A 86 -21.16 -20.40 20.08
C VAL A 86 -22.15 -20.01 19.00
N SER A 87 -23.12 -19.14 19.32
CA SER A 87 -24.02 -18.64 18.30
C SER A 87 -23.27 -17.81 17.26
N TYR A 88 -22.38 -16.94 17.73
CA TYR A 88 -21.62 -16.08 16.81
C TYR A 88 -20.79 -16.91 15.84
N VAL A 89 -20.02 -17.86 16.37
CA VAL A 89 -19.09 -18.61 15.52
C VAL A 89 -19.85 -19.32 14.41
N ASN A 90 -21.04 -19.83 14.71
CA ASN A 90 -21.79 -20.62 13.75
C ASN A 90 -22.74 -19.80 12.88
N THR A 91 -23.01 -18.55 13.24
CA THR A 91 -24.02 -17.71 12.52
C THR A 91 -23.37 -16.55 11.76
N ASN A 92 -22.17 -16.10 12.13
CA ASN A 92 -21.56 -14.94 11.52
C ASN A 92 -20.21 -15.23 10.87
N VAL A 93 -19.43 -16.14 11.44
CA VAL A 93 -18.23 -16.67 10.79
C VAL A 93 -18.56 -17.94 9.99
N GLY A 94 -19.70 -18.55 10.26
CA GLY A 94 -20.09 -19.77 9.58
C GLY A 94 -20.56 -19.56 8.16
N LEU A 95 -21.25 -18.44 7.89
CA LEU A 95 -21.74 -18.16 6.55
C LEU A 95 -20.61 -17.92 5.56
N LYS A 96 -19.58 -17.17 5.95
CA LYS A 96 -18.45 -16.93 5.07
C LYS A 96 -17.77 -18.23 4.67
N PHE A 97 -17.55 -19.12 5.64
CA PHE A 97 -16.97 -20.42 5.33
C PHE A 97 -17.90 -21.24 4.46
N ARG A 98 -19.17 -21.38 4.86
CA ARG A 98 -20.13 -22.05 3.99
C ARG A 98 -19.95 -21.61 2.54
N GLN A 99 -19.87 -20.29 2.33
CA GLN A 99 -19.70 -19.78 0.97
C GLN A 99 -18.40 -20.26 0.34
N LEU A 100 -17.28 -20.08 1.04
CA LEU A 100 -15.98 -20.45 0.46
C LEU A 100 -15.90 -21.93 0.14
N LEU A 101 -16.24 -22.77 1.12
CA LEU A 101 -16.21 -24.21 0.93
C LEU A 101 -17.13 -24.64 -0.20
N TRP A 102 -18.33 -24.06 -0.28
CA TRP A 102 -19.23 -24.43 -1.37
C TRP A 102 -18.64 -24.06 -2.71
N PHE A 103 -18.08 -22.86 -2.82
CA PHE A 103 -17.48 -22.43 -4.08
C PHE A 103 -16.30 -23.28 -4.47
N HIS A 104 -15.58 -23.84 -3.51
CA HIS A 104 -14.40 -24.65 -3.81
C HIS A 104 -14.69 -26.14 -3.94
N ILE A 105 -15.85 -26.61 -3.50
CA ILE A 105 -16.27 -27.98 -3.75
C ILE A 105 -17.07 -28.10 -5.04
N SER A 106 -17.98 -27.16 -5.33
CA SER A 106 -18.68 -27.18 -6.61
C SER A 106 -17.70 -26.99 -7.77
N CYS A 107 -16.68 -26.15 -7.60
CA CYS A 107 -15.68 -26.00 -8.64
C CYS A 107 -14.96 -27.31 -8.91
N LEU A 108 -14.57 -28.03 -7.86
CA LEU A 108 -13.91 -29.31 -8.05
C LEU A 108 -14.82 -30.31 -8.73
N THR A 109 -16.08 -30.38 -8.30
CA THR A 109 -16.99 -31.39 -8.86
C THR A 109 -17.31 -31.08 -10.32
N PHE A 110 -17.59 -29.82 -10.64
CA PHE A 110 -18.09 -29.45 -11.96
C PHE A 110 -17.20 -28.47 -12.71
N GLY A 111 -16.23 -27.83 -12.04
CA GLY A 111 -15.33 -26.91 -12.72
C GLY A 111 -15.82 -25.48 -12.68
N ARG A 112 -14.90 -24.53 -12.84
CA ARG A 112 -15.27 -23.12 -12.83
C ARG A 112 -16.22 -22.79 -13.97
N GLU A 113 -15.99 -23.39 -15.14
CA GLU A 113 -16.78 -23.05 -16.32
C GLU A 113 -18.27 -23.24 -16.05
N THR A 114 -18.61 -24.18 -15.18
CA THR A 114 -20.02 -24.52 -14.84
C THR A 114 -20.47 -23.72 -13.62
N VAL A 115 -19.57 -23.46 -12.66
CA VAL A 115 -19.95 -22.76 -11.43
C VAL A 115 -20.25 -21.29 -11.71
N LEU A 116 -19.41 -20.65 -12.52
CA LEU A 116 -19.58 -19.20 -12.84
C LEU A 116 -20.90 -19.00 -13.60
N GLU A 117 -21.22 -19.85 -14.57
CA GLU A 117 -22.49 -19.79 -15.28
C GLU A 117 -23.65 -20.06 -14.36
N TYR A 118 -23.48 -20.98 -13.41
CA TYR A 118 -24.54 -21.26 -12.44
C TYR A 118 -24.82 -20.04 -11.57
N LEU A 119 -23.76 -19.32 -11.18
CA LEU A 119 -23.88 -18.13 -10.31
C LEU A 119 -24.56 -16.98 -11.08
N VAL A 120 -24.35 -16.86 -12.39
CA VAL A 120 -25.06 -15.89 -13.22
C VAL A 120 -26.51 -16.28 -13.39
N SER A 121 -26.76 -17.57 -13.69
CA SER A 121 -28.12 -18.04 -13.91
C SER A 121 -28.96 -17.92 -12.64
N PHE A 122 -28.36 -18.20 -11.48
CA PHE A 122 -29.10 -18.08 -10.23
C PHE A 122 -29.42 -16.64 -9.92
N GLY A 123 -28.51 -15.72 -10.23
CA GLY A 123 -28.86 -14.30 -10.11
C GLY A 123 -30.05 -13.95 -10.99
N VAL A 124 -30.02 -14.39 -12.24
CA VAL A 124 -31.15 -14.14 -13.14
C VAL A 124 -32.43 -14.70 -12.55
N TRP A 125 -32.38 -15.92 -12.01
CA TRP A 125 -33.57 -16.56 -11.46
C TRP A 125 -34.11 -15.79 -10.26
N ILE A 126 -33.25 -15.50 -9.29
CA ILE A 126 -33.67 -14.89 -8.03
C ILE A 126 -34.19 -13.49 -8.29
N ARG A 127 -33.70 -12.85 -9.35
CA ARG A 127 -34.06 -11.43 -9.65
C ARG A 127 -35.53 -11.33 -10.07
N THR A 128 -36.12 -12.35 -10.70
CA THR A 128 -37.48 -12.24 -11.22
C THR A 128 -38.47 -12.17 -10.06
N PRO A 129 -39.56 -11.42 -10.21
CA PRO A 129 -40.56 -11.38 -9.14
C PRO A 129 -41.21 -12.73 -8.97
N PRO A 130 -41.84 -12.99 -7.81
CA PRO A 130 -42.47 -14.30 -7.59
C PRO A 130 -43.56 -14.63 -8.59
N ALA A 131 -44.18 -13.62 -9.22
CA ALA A 131 -45.27 -13.91 -10.16
C ALA A 131 -44.81 -14.81 -11.30
N TYR A 132 -43.70 -14.45 -11.94
CA TYR A 132 -43.18 -15.20 -13.08
C TYR A 132 -42.02 -16.12 -12.70
N ARG A 133 -41.61 -16.14 -11.44
CA ARG A 133 -40.44 -16.92 -11.06
C ARG A 133 -40.71 -18.41 -11.29
N PRO A 134 -39.86 -19.12 -12.03
CA PRO A 134 -40.02 -20.56 -12.17
C PRO A 134 -39.98 -21.24 -10.81
N PRO A 135 -40.93 -22.14 -10.50
CA PRO A 135 -40.97 -22.81 -9.18
C PRO A 135 -39.69 -23.59 -8.91
N ASN A 136 -39.07 -24.19 -9.93
CA ASN A 136 -37.89 -25.01 -9.78
C ASN A 136 -36.66 -24.14 -10.00
N ALA A 137 -35.87 -23.95 -8.95
CA ALA A 137 -34.66 -23.15 -9.05
C ALA A 137 -33.60 -23.92 -9.85
N PRO A 138 -32.65 -23.20 -10.48
CA PRO A 138 -31.60 -23.90 -11.21
C PRO A 138 -30.71 -24.71 -10.27
N ILE A 139 -30.26 -25.86 -10.75
CA ILE A 139 -29.40 -26.77 -9.94
C ILE A 139 -28.24 -27.25 -10.81
N LEU A 140 -27.09 -27.52 -10.20
CA LEU A 140 -25.91 -28.01 -10.91
C LEU A 140 -26.08 -29.48 -11.26
N SER A 141 -25.51 -29.88 -12.39
CA SER A 141 -25.56 -31.26 -12.83
C SER A 141 -24.44 -31.51 -13.82
N THR A 142 -24.08 -32.78 -13.97
CA THR A 142 -23.04 -33.20 -14.90
C THR A 142 -21.77 -32.37 -14.73
N MET B 1 -9.36 -34.25 11.89
CA MET B 1 -8.79 -34.55 10.55
C MET B 1 -7.26 -34.55 10.61
N ASP B 2 -6.65 -35.53 9.94
CA ASP B 2 -5.19 -35.66 9.92
C ASP B 2 -4.62 -34.99 8.67
N ILE B 3 -4.69 -33.66 8.66
CA ILE B 3 -4.25 -32.83 7.54
C ILE B 3 -3.14 -31.91 8.01
N ASP B 4 -2.10 -31.76 7.18
CA ASP B 4 -0.97 -30.89 7.48
C ASP B 4 -0.82 -29.85 6.37
N PRO B 5 -0.98 -28.55 6.66
CA PRO B 5 -0.83 -27.55 5.59
C PRO B 5 0.52 -27.54 4.90
N TYR B 6 1.61 -27.65 5.66
CA TYR B 6 2.99 -27.53 5.10
C TYR B 6 3.45 -28.83 4.43
N LYS B 7 2.69 -29.93 4.54
CA LYS B 7 3.16 -31.22 4.06
C LYS B 7 3.32 -31.21 2.53
N GLU B 8 2.59 -30.32 1.85
CA GLU B 8 2.70 -30.23 0.40
C GLU B 8 4.11 -29.88 -0.05
N PHE B 9 4.75 -28.92 0.61
CA PHE B 9 6.00 -28.34 0.17
C PHE B 9 7.21 -28.98 0.84
N GLY B 10 7.09 -30.21 1.30
CA GLY B 10 8.15 -30.87 2.03
C GLY B 10 8.19 -30.57 3.50
N ALA B 11 7.80 -29.36 3.90
CA ALA B 11 7.75 -29.01 5.32
C ALA B 11 6.69 -29.85 6.04
N THR B 12 6.81 -29.92 7.35
CA THR B 12 5.85 -30.66 8.18
C THR B 12 5.72 -29.96 9.52
N VAL B 13 4.59 -30.20 10.18
CA VAL B 13 4.36 -29.58 11.49
C VAL B 13 5.42 -30.02 12.49
N GLU B 14 5.81 -31.30 12.44
CA GLU B 14 6.90 -31.76 13.30
C GLU B 14 8.20 -31.03 12.97
N LEU B 15 8.48 -30.85 11.68
CA LEU B 15 9.74 -30.20 11.28
C LEU B 15 9.77 -28.75 11.73
N LEU B 16 8.65 -28.04 11.61
CA LEU B 16 8.63 -26.63 11.95
C LEU B 16 8.45 -26.39 13.44
N SER B 17 7.90 -27.35 14.17
CA SER B 17 7.64 -27.17 15.60
C SER B 17 8.91 -26.97 16.41
N PHE B 18 10.07 -27.33 15.86
CA PHE B 18 11.32 -27.16 16.59
C PHE B 18 11.63 -25.68 16.80
N LEU B 19 11.17 -24.81 15.92
CA LEU B 19 11.50 -23.39 16.02
C LEU B 19 10.94 -22.83 17.32
N PRO B 20 11.74 -22.10 18.10
CA PRO B 20 11.20 -21.48 19.31
C PRO B 20 10.23 -20.36 18.98
N SER B 21 9.34 -20.09 19.93
CA SER B 21 8.29 -19.10 19.68
C SER B 21 8.87 -17.72 19.42
N ASP B 22 9.92 -17.33 20.15
CA ASP B 22 10.52 -16.02 19.98
C ASP B 22 11.11 -15.81 18.59
N PHE B 23 11.34 -16.88 17.83
CA PHE B 23 11.99 -16.75 16.54
C PHE B 23 11.12 -16.03 15.53
N PHE B 24 9.82 -16.32 15.52
CA PHE B 24 8.95 -15.76 14.49
C PHE B 24 8.74 -14.26 14.71
N PRO B 25 8.69 -13.47 13.63
CA PRO B 25 8.34 -12.05 13.80
C PRO B 25 6.90 -11.90 14.25
N SER B 26 6.59 -10.71 14.76
CA SER B 26 5.22 -10.40 15.13
C SER B 26 4.32 -10.44 13.89
N VAL B 27 3.06 -10.82 14.12
CA VAL B 27 2.14 -11.01 13.00
C VAL B 27 2.03 -9.73 12.17
N ARG B 28 1.98 -8.58 12.86
CA ARG B 28 1.92 -7.32 12.15
C ARG B 28 3.17 -7.11 11.30
N ASP B 29 4.33 -7.54 11.78
CA ASP B 29 5.54 -7.45 10.95
C ASP B 29 5.43 -8.33 9.72
N LEU B 30 4.86 -9.53 9.85
CA LEU B 30 4.68 -10.38 8.68
C LEU B 30 3.72 -9.77 7.67
N LEU B 31 2.61 -9.18 8.14
CA LEU B 31 1.70 -8.52 7.21
C LEU B 31 2.28 -7.24 6.63
N ASP B 32 3.20 -6.58 7.34
CA ASP B 32 3.94 -5.45 6.76
C ASP B 32 4.90 -5.88 5.67
N THR B 33 5.63 -6.98 5.87
CA THR B 33 6.45 -7.56 4.82
C THR B 33 5.62 -8.02 3.63
N ALA B 34 4.47 -8.64 3.88
CA ALA B 34 3.58 -9.07 2.81
C ALA B 34 3.33 -7.93 1.84
N ALA B 35 2.76 -6.83 2.33
CA ALA B 35 2.56 -5.67 1.46
C ALA B 35 3.86 -5.28 0.78
N ALA B 36 4.86 -4.89 1.57
CA ALA B 36 6.05 -4.24 1.06
C ALA B 36 6.78 -5.05 0.00
N LEU B 37 6.65 -6.38 0.00
CA LEU B 37 7.38 -7.19 -0.97
C LEU B 37 6.51 -7.85 -2.02
N TYR B 38 5.23 -8.10 -1.75
CA TYR B 38 4.39 -8.83 -2.69
C TYR B 38 2.98 -8.25 -2.83
N ARG B 39 2.82 -6.93 -2.69
CA ARG B 39 1.47 -6.32 -2.74
C ARG B 39 0.92 -6.48 -4.16
N ASP B 40 1.76 -6.38 -5.19
CA ASP B 40 1.34 -6.56 -6.57
C ASP B 40 0.95 -8.01 -6.83
N ALA B 41 1.81 -8.95 -6.45
CA ALA B 41 1.54 -10.35 -6.72
C ALA B 41 0.31 -10.83 -5.96
N LEU B 42 0.08 -10.33 -4.75
CA LEU B 42 -1.07 -10.76 -3.97
C LEU B 42 -2.37 -10.22 -4.54
N GLU B 43 -2.38 -8.94 -4.95
CA GLU B 43 -3.61 -8.29 -5.45
C GLU B 43 -3.86 -8.69 -6.90
N SER B 44 -2.83 -9.04 -7.67
CA SER B 44 -2.99 -9.41 -9.07
C SER B 44 -3.67 -10.78 -9.17
N PRO B 45 -4.47 -11.00 -10.21
CA PRO B 45 -5.32 -12.21 -10.25
C PRO B 45 -4.66 -13.47 -10.81
N GLU B 46 -3.34 -13.49 -11.01
CA GLU B 46 -2.72 -14.69 -11.55
C GLU B 46 -2.39 -15.68 -10.44
N HIS B 47 -2.40 -16.96 -10.80
CA HIS B 47 -1.95 -18.03 -9.91
C HIS B 47 -0.43 -18.15 -9.98
N CYS B 48 0.24 -17.13 -9.43
CA CYS B 48 1.69 -17.02 -9.58
C CYS B 48 2.39 -18.29 -9.12
N SER B 49 2.02 -18.82 -7.97
CA SER B 49 2.62 -20.02 -7.43
C SER B 49 1.74 -20.55 -6.32
N PRO B 50 1.83 -21.84 -6.00
CA PRO B 50 1.05 -22.36 -4.86
C PRO B 50 1.33 -21.63 -3.56
N HIS B 51 2.56 -21.15 -3.37
CA HIS B 51 2.86 -20.34 -2.20
C HIS B 51 1.94 -19.13 -2.14
N HIS B 52 1.80 -18.43 -3.27
CA HIS B 52 0.92 -17.27 -3.31
C HIS B 52 -0.53 -17.66 -3.04
N THR B 53 -0.97 -18.78 -3.63
CA THR B 53 -2.36 -19.22 -3.46
C THR B 53 -2.67 -19.49 -2.00
N ALA B 54 -1.76 -20.16 -1.30
CA ALA B 54 -1.98 -20.41 0.13
C ALA B 54 -1.85 -19.13 0.94
N LEU B 55 -0.93 -18.26 0.55
CA LEU B 55 -0.67 -17.04 1.32
C LEU B 55 -1.88 -16.10 1.29
N ARG B 56 -2.54 -16.00 0.15
CA ARG B 56 -3.71 -15.14 0.06
C ARG B 56 -4.77 -15.57 1.08
N GLN B 57 -5.07 -16.86 1.11
CA GLN B 57 -6.05 -17.37 2.06
C GLN B 57 -5.59 -17.19 3.50
N ALA B 58 -4.30 -17.39 3.76
CA ALA B 58 -3.80 -17.19 5.13
C ALA B 58 -3.98 -15.75 5.58
N ILE B 59 -3.66 -14.80 4.71
CA ILE B 59 -3.82 -13.39 5.05
C ILE B 59 -5.29 -13.06 5.30
N LEU B 60 -6.17 -13.59 4.45
CA LEU B 60 -7.59 -13.32 4.64
C LEU B 60 -8.09 -13.91 5.96
N CYS B 61 -7.61 -15.11 6.31
CA CYS B 61 -8.00 -15.72 7.58
C CYS B 61 -7.54 -14.88 8.75
N TRP B 62 -6.31 -14.36 8.69
CA TRP B 62 -5.84 -13.52 9.78
C TRP B 62 -6.66 -12.23 9.86
N GLY B 63 -7.07 -11.71 8.71
CA GLY B 63 -7.95 -10.56 8.71
C GLY B 63 -9.25 -10.85 9.43
N ASP B 64 -9.81 -12.03 9.15
CA ASP B 64 -11.06 -12.44 9.80
C ASP B 64 -10.87 -12.53 11.31
N LEU B 65 -9.77 -13.14 11.75
CA LEU B 65 -9.54 -13.28 13.19
C LEU B 65 -9.25 -11.93 13.84
N MET B 66 -8.59 -11.01 13.13
CA MET B 66 -8.42 -9.66 13.64
C MET B 66 -9.76 -8.97 13.83
N THR B 67 -10.67 -9.15 12.86
CA THR B 67 -12.01 -8.59 12.99
C THR B 67 -12.71 -9.19 14.21
N LEU B 68 -12.51 -10.49 14.43
CA LEU B 68 -13.10 -11.20 15.59
C LEU B 68 -12.56 -10.56 16.87
N ALA B 69 -11.24 -10.28 16.92
CA ALA B 69 -10.62 -9.69 18.11
C ALA B 69 -11.17 -8.31 18.38
N THR B 70 -11.31 -7.48 17.34
CA THR B 70 -11.89 -6.15 17.53
C THR B 70 -13.34 -6.26 17.99
N TRP B 71 -14.09 -7.21 17.42
CA TRP B 71 -15.48 -7.42 17.78
C TRP B 71 -15.62 -7.68 19.27
N VAL B 72 -14.82 -8.62 19.79
CA VAL B 72 -14.88 -8.90 21.22
C VAL B 72 -14.41 -7.69 22.03
N GLY B 73 -13.30 -7.07 21.61
CA GLY B 73 -12.75 -5.97 22.38
C GLY B 73 -13.71 -4.81 22.53
N THR B 74 -14.40 -4.43 21.46
CA THR B 74 -15.26 -3.27 21.47
C THR B 74 -16.68 -3.59 21.97
N ASN B 75 -17.16 -4.80 21.72
CA ASN B 75 -18.56 -5.12 22.02
C ASN B 75 -18.75 -5.75 23.38
N LEU B 76 -17.84 -6.63 23.81
CA LEU B 76 -18.05 -7.41 25.03
C LEU B 76 -18.19 -6.48 26.23
N GLU B 77 -19.14 -6.80 27.11
CA GLU B 77 -19.46 -5.93 28.24
C GLU B 77 -18.57 -6.17 29.45
N ASP B 78 -17.80 -7.26 29.48
CA ASP B 78 -16.98 -7.58 30.63
C ASP B 78 -15.51 -7.29 30.33
N PRO B 79 -14.90 -6.27 30.95
CA PRO B 79 -13.49 -6.00 30.65
C PRO B 79 -12.57 -7.18 30.93
N ALA B 80 -12.82 -7.94 31.99
CA ALA B 80 -11.94 -9.07 32.33
C ALA B 80 -11.99 -10.13 31.23
N SER B 81 -13.19 -10.59 30.89
CA SER B 81 -13.32 -11.59 29.83
C SER B 81 -12.93 -11.00 28.48
N ARG B 82 -13.17 -9.71 28.29
CA ARG B 82 -12.74 -9.03 27.07
C ARG B 82 -11.24 -9.16 26.87
N ASP B 83 -10.47 -8.79 27.90
CA ASP B 83 -9.02 -8.92 27.83
C ASP B 83 -8.61 -10.38 27.69
N LEU B 84 -9.31 -11.27 28.40
CA LEU B 84 -8.99 -12.70 28.32
C LEU B 84 -9.10 -13.19 26.88
N VAL B 85 -10.20 -12.87 26.20
CA VAL B 85 -10.41 -13.36 24.85
C VAL B 85 -9.42 -12.74 23.88
N VAL B 86 -9.22 -11.42 23.97
CA VAL B 86 -8.28 -10.79 23.04
C VAL B 86 -6.88 -11.34 23.22
N SER B 87 -6.43 -11.55 24.46
CA SER B 87 -5.12 -12.12 24.71
C SER B 87 -5.03 -13.58 24.28
N TYR B 88 -6.11 -14.34 24.42
CA TYR B 88 -6.11 -15.71 23.92
C TYR B 88 -5.91 -15.74 22.41
N VAL B 89 -6.63 -14.87 21.69
CA VAL B 89 -6.53 -14.87 20.23
C VAL B 89 -5.16 -14.36 19.78
N ASN B 90 -4.66 -13.30 20.41
CA ASN B 90 -3.44 -12.67 19.93
C ASN B 90 -2.19 -13.51 20.17
N THR B 91 -2.25 -14.54 21.01
CA THR B 91 -1.06 -15.31 21.33
C THR B 91 -1.16 -16.75 20.84
N ASN B 92 -2.20 -17.48 21.22
CA ASN B 92 -2.28 -18.90 20.90
C ASN B 92 -2.40 -19.10 19.38
N VAL B 93 -3.46 -18.56 18.78
CA VAL B 93 -3.58 -18.62 17.33
C VAL B 93 -2.50 -17.76 16.67
N GLY B 94 -1.96 -16.79 17.42
CA GLY B 94 -0.80 -16.07 16.94
C GLY B 94 0.28 -17.01 16.45
N LEU B 95 0.86 -17.81 17.36
CA LEU B 95 1.90 -18.75 17.01
C LEU B 95 1.65 -19.39 15.65
N LYS B 96 0.46 -19.96 15.47
CA LYS B 96 0.16 -20.65 14.22
C LYS B 96 0.21 -19.72 13.02
N PHE B 97 -0.42 -18.55 13.12
CA PHE B 97 -0.47 -17.66 11.96
C PHE B 97 0.89 -17.06 11.65
N ARG B 98 1.60 -16.62 12.68
CA ARG B 98 2.97 -16.13 12.51
C ARG B 98 3.86 -17.19 11.89
N GLN B 99 3.69 -18.45 12.25
CA GLN B 99 4.45 -19.54 11.66
C GLN B 99 4.10 -19.77 10.20
N LEU B 100 2.82 -19.86 9.86
CA LEU B 100 2.40 -20.14 8.49
C LEU B 100 2.81 -19.00 7.56
N LEU B 101 2.48 -17.76 7.94
CA LEU B 101 2.85 -16.62 7.12
C LEU B 101 4.36 -16.51 6.97
N TRP B 102 5.10 -16.75 8.05
CA TRP B 102 6.55 -16.70 7.97
C TRP B 102 7.07 -17.74 6.98
N PHE B 103 6.54 -18.97 7.05
CA PHE B 103 7.02 -20.01 6.16
C PHE B 103 6.77 -19.63 4.70
N HIS B 104 5.55 -19.18 4.40
CA HIS B 104 5.23 -18.85 3.01
C HIS B 104 6.08 -17.67 2.51
N ILE B 105 6.23 -16.64 3.34
CA ILE B 105 7.03 -15.47 2.93
C ILE B 105 8.47 -15.88 2.71
N SER B 106 9.03 -16.68 3.63
CA SER B 106 10.41 -17.12 3.49
C SER B 106 10.60 -17.97 2.25
N CYS B 107 9.63 -18.85 1.96
CA CYS B 107 9.71 -19.60 0.72
C CYS B 107 9.75 -18.68 -0.48
N LEU B 108 8.80 -17.74 -0.58
CA LEU B 108 8.78 -16.83 -1.73
C LEU B 108 10.11 -16.08 -1.85
N THR B 109 10.69 -15.67 -0.73
CA THR B 109 11.88 -14.83 -0.78
C THR B 109 13.13 -15.64 -1.12
N PHE B 110 13.25 -16.87 -0.60
CA PHE B 110 14.52 -17.57 -0.57
C PHE B 110 14.57 -18.86 -1.38
N GLY B 111 13.44 -19.41 -1.81
CA GLY B 111 13.45 -20.72 -2.44
C GLY B 111 12.98 -21.80 -1.48
N ARG B 112 12.11 -22.69 -1.96
CA ARG B 112 11.59 -23.74 -1.10
C ARG B 112 12.70 -24.66 -0.61
N GLU B 113 13.61 -25.04 -1.51
CA GLU B 113 14.72 -25.91 -1.11
C GLU B 113 15.60 -25.22 -0.08
N THR B 114 15.88 -23.93 -0.28
CA THR B 114 16.70 -23.19 0.67
C THR B 114 16.04 -23.15 2.04
N VAL B 115 14.74 -22.88 2.08
CA VAL B 115 14.04 -22.81 3.36
C VAL B 115 14.05 -24.18 4.04
N LEU B 116 13.81 -25.25 3.29
CA LEU B 116 13.84 -26.59 3.89
C LEU B 116 15.21 -26.92 4.44
N GLU B 117 16.27 -26.59 3.69
CA GLU B 117 17.62 -26.85 4.18
C GLU B 117 17.89 -26.07 5.46
N TYR B 118 17.51 -24.79 5.49
CA TYR B 118 17.72 -23.99 6.70
C TYR B 118 16.94 -24.57 7.87
N LEU B 119 15.72 -25.06 7.61
CA LEU B 119 14.90 -25.58 8.70
C LEU B 119 15.49 -26.88 9.24
N VAL B 120 16.03 -27.72 8.37
CA VAL B 120 16.73 -28.92 8.84
C VAL B 120 17.94 -28.53 9.69
N SER B 121 18.70 -27.53 9.21
CA SER B 121 19.87 -27.09 9.96
C SER B 121 19.49 -26.56 11.33
N PHE B 122 18.40 -25.78 11.41
CA PHE B 122 17.99 -25.24 12.70
C PHE B 122 17.42 -26.33 13.60
N GLY B 123 16.79 -27.35 13.01
CA GLY B 123 16.37 -28.48 13.80
C GLY B 123 17.54 -29.19 14.44
N VAL B 124 18.63 -29.34 13.68
CA VAL B 124 19.86 -29.88 14.27
C VAL B 124 20.38 -28.96 15.37
N TRP B 125 20.39 -27.65 15.10
CA TRP B 125 21.01 -26.71 16.03
C TRP B 125 20.28 -26.65 17.36
N ILE B 126 18.96 -26.47 17.32
CA ILE B 126 18.22 -26.17 18.55
C ILE B 126 18.25 -27.35 19.51
N ARG B 127 18.18 -28.58 18.99
CA ARG B 127 18.09 -29.75 19.87
C ARG B 127 19.36 -29.99 20.66
N THR B 128 20.47 -29.37 20.28
CA THR B 128 21.70 -29.49 21.06
C THR B 128 21.56 -28.70 22.36
N PRO B 129 21.97 -29.25 23.50
CA PRO B 129 21.87 -28.50 24.75
C PRO B 129 22.84 -27.34 24.76
N PRO B 130 22.59 -26.32 25.60
CA PRO B 130 23.39 -25.08 25.50
C PRO B 130 24.89 -25.29 25.68
N ALA B 131 25.30 -26.19 26.57
CA ALA B 131 26.70 -26.26 26.96
C ALA B 131 27.63 -26.56 25.79
N TYR B 132 27.11 -27.18 24.73
CA TYR B 132 27.93 -27.55 23.58
C TYR B 132 27.44 -26.93 22.28
N ARG B 133 26.29 -26.27 22.28
CA ARG B 133 25.77 -25.64 21.08
C ARG B 133 26.63 -24.43 20.71
N PRO B 134 26.82 -24.15 19.43
CA PRO B 134 27.59 -22.95 19.03
C PRO B 134 26.90 -21.69 19.51
N PRO B 135 27.65 -20.59 19.68
CA PRO B 135 27.04 -19.39 20.26
C PRO B 135 26.12 -18.64 19.31
N ASN B 136 26.36 -18.73 18.00
CA ASN B 136 25.64 -17.94 17.02
C ASN B 136 24.65 -18.86 16.31
N ALA B 137 23.38 -18.44 16.25
CA ALA B 137 22.34 -19.27 15.67
C ALA B 137 22.40 -19.24 14.15
N PRO B 138 21.95 -20.30 13.48
CA PRO B 138 21.99 -20.32 12.02
C PRO B 138 21.18 -19.18 11.42
N ILE B 139 21.66 -18.68 10.28
CA ILE B 139 21.06 -17.54 9.60
C ILE B 139 20.64 -17.97 8.20
N LEU B 140 19.54 -17.40 7.72
CA LEU B 140 18.92 -17.82 6.48
C LEU B 140 19.24 -16.83 5.37
N SER B 141 19.76 -17.33 4.25
CA SER B 141 20.02 -16.52 3.07
C SER B 141 20.43 -17.44 1.93
N THR B 142 20.08 -17.02 0.70
CA THR B 142 20.30 -17.86 -0.46
C THR B 142 21.73 -17.81 -0.98
N LEU B 143 22.46 -16.74 -0.72
CA LEU B 143 23.81 -16.59 -1.24
C LEU B 143 23.82 -16.68 -2.76
N MET C 1 -5.34 13.57 -3.34
CA MET C 1 -5.44 12.62 -4.49
C MET C 1 -4.84 11.28 -4.08
N ASP C 2 -4.70 10.34 -5.03
CA ASP C 2 -4.06 9.05 -4.79
C ASP C 2 -2.83 8.87 -5.67
N ILE C 3 -2.07 9.94 -5.88
CA ILE C 3 -0.81 9.85 -6.60
C ILE C 3 0.32 9.63 -5.60
N ASP C 4 1.10 8.59 -5.81
CA ASP C 4 2.28 8.31 -4.99
C ASP C 4 3.50 8.82 -5.75
N PRO C 5 4.24 9.80 -5.22
CA PRO C 5 5.38 10.34 -5.99
C PRO C 5 6.40 9.28 -6.37
N TYR C 6 6.56 8.24 -5.56
CA TYR C 6 7.51 7.18 -5.85
C TYR C 6 6.97 6.15 -6.83
N LYS C 7 5.68 6.20 -7.15
CA LYS C 7 5.05 5.14 -7.91
C LYS C 7 5.79 4.88 -9.21
N GLU C 8 6.29 5.94 -9.84
CA GLU C 8 6.97 5.75 -11.12
C GLU C 8 8.29 5.02 -10.95
N PHE C 9 9.08 5.38 -9.95
CA PHE C 9 10.44 4.87 -9.81
C PHE C 9 10.50 3.43 -9.32
N GLY C 10 9.36 2.82 -9.00
CA GLY C 10 9.29 1.44 -8.55
C GLY C 10 8.86 1.31 -7.10
N ALA C 11 9.29 2.22 -6.24
CA ALA C 11 8.97 2.14 -4.82
C ALA C 11 7.54 2.60 -4.58
N THR C 12 7.15 2.60 -3.31
CA THR C 12 5.82 3.03 -2.89
C THR C 12 5.92 3.69 -1.53
N VAL C 13 4.90 4.49 -1.20
CA VAL C 13 4.89 5.16 0.09
C VAL C 13 4.91 4.14 1.22
N GLU C 14 4.15 3.05 1.07
CA GLU C 14 4.18 1.99 2.07
C GLU C 14 5.55 1.33 2.15
N LEU C 15 6.19 1.10 1.00
CA LEU C 15 7.50 0.46 1.02
C LEU C 15 8.51 1.29 1.80
N LEU C 16 8.49 2.61 1.63
CA LEU C 16 9.43 3.45 2.36
C LEU C 16 9.01 3.60 3.82
N SER C 17 7.70 3.61 4.09
CA SER C 17 7.22 3.58 5.46
C SER C 17 7.58 2.29 6.17
N PHE C 18 8.03 1.26 5.40
CA PHE C 18 8.47 -0.06 5.98
C PHE C 18 9.75 0.16 6.77
N LEU C 19 10.27 1.38 6.83
CA LEU C 19 11.39 1.75 7.69
C LEU C 19 10.90 2.64 8.82
N PRO C 20 11.59 2.67 9.95
CA PRO C 20 11.14 3.52 11.07
C PRO C 20 11.30 4.99 10.76
N SER C 21 10.54 5.81 11.50
CA SER C 21 10.55 7.25 11.26
C SER C 21 11.93 7.86 11.51
N ASP C 22 12.52 7.60 12.68
CA ASP C 22 13.77 8.25 13.06
C ASP C 22 14.95 7.81 12.22
N PHE C 23 14.81 6.77 11.40
CA PHE C 23 15.93 6.32 10.58
C PHE C 23 16.36 7.39 9.59
N PHE C 24 15.41 8.07 8.97
CA PHE C 24 15.75 9.04 7.94
C PHE C 24 16.51 10.22 8.53
N PRO C 25 17.47 10.79 7.80
CA PRO C 25 18.20 11.95 8.31
C PRO C 25 17.37 13.22 8.23
N SER C 26 17.78 14.21 9.01
CA SER C 26 17.09 15.49 9.00
C SER C 26 17.18 16.14 7.63
N VAL C 27 16.29 17.10 7.38
CA VAL C 27 16.31 17.82 6.11
C VAL C 27 17.63 18.55 5.92
N ARG C 28 18.22 19.03 7.02
CA ARG C 28 19.38 19.91 6.91
C ARG C 28 20.60 19.16 6.39
N ASP C 29 21.06 18.15 7.13
CA ASP C 29 22.19 17.36 6.67
C ASP C 29 21.92 16.77 5.30
N LEU C 30 20.67 16.41 5.02
CA LEU C 30 20.33 15.79 3.75
C LEU C 30 20.53 16.76 2.59
N LEU C 31 20.03 17.99 2.73
CA LEU C 31 20.25 19.00 1.70
C LEU C 31 21.73 19.39 1.61
N ASP C 32 22.46 19.33 2.73
CA ASP C 32 23.89 19.57 2.65
C ASP C 32 24.58 18.50 1.80
N THR C 33 24.20 17.23 1.97
CA THR C 33 24.76 16.19 1.10
C THR C 33 24.38 16.44 -0.35
N ALA C 34 23.12 16.80 -0.60
CA ALA C 34 22.71 17.08 -1.97
C ALA C 34 23.56 18.17 -2.60
N ALA C 35 23.72 19.29 -1.89
CA ALA C 35 24.52 20.40 -2.42
C ALA C 35 25.97 19.99 -2.60
N ALA C 36 26.54 19.26 -1.64
CA ALA C 36 27.94 18.88 -1.74
C ALA C 36 28.18 17.96 -2.92
N LEU C 37 27.24 17.07 -3.22
CA LEU C 37 27.51 16.03 -4.20
C LEU C 37 27.04 16.38 -5.61
N TYR C 38 25.79 16.83 -5.78
CA TYR C 38 25.22 17.08 -7.13
C TYR C 38 24.73 18.51 -7.34
N ARG C 39 25.41 19.54 -6.85
CA ARG C 39 24.95 20.90 -7.13
C ARG C 39 25.12 21.25 -8.60
N ASP C 40 26.27 20.89 -9.18
CA ASP C 40 26.52 21.22 -10.59
C ASP C 40 25.53 20.52 -11.50
N ALA C 41 25.14 19.30 -11.15
CA ALA C 41 24.16 18.57 -11.95
C ALA C 41 22.75 19.13 -11.75
N LEU C 42 22.43 19.55 -10.53
CA LEU C 42 21.10 20.12 -10.27
C LEU C 42 20.93 21.47 -10.97
N GLU C 43 22.02 22.23 -11.08
CA GLU C 43 21.97 23.59 -11.67
C GLU C 43 22.12 23.50 -13.19
N SER C 44 22.63 22.40 -13.73
CA SER C 44 22.84 22.28 -15.17
C SER C 44 21.50 22.23 -15.90
N PRO C 45 21.43 22.77 -17.12
CA PRO C 45 20.17 22.71 -17.88
C PRO C 45 19.88 21.34 -18.47
N GLU C 46 20.69 20.33 -18.16
CA GLU C 46 20.51 18.99 -18.74
C GLU C 46 19.64 18.15 -17.81
N HIS C 47 18.45 17.73 -18.25
CA HIS C 47 17.61 16.79 -17.46
C HIS C 47 18.23 15.42 -17.66
N CYS C 48 19.43 15.18 -17.10
CA CYS C 48 20.19 13.95 -17.33
C CYS C 48 19.41 12.72 -16.91
N SER C 49 18.59 12.82 -15.86
CA SER C 49 17.88 11.67 -15.33
C SER C 49 16.61 12.16 -14.67
N PRO C 50 15.59 11.29 -14.57
CA PRO C 50 14.36 11.69 -13.85
C PRO C 50 14.62 12.06 -12.41
N HIS C 51 15.59 11.40 -11.77
CA HIS C 51 15.90 11.73 -10.37
C HIS C 51 16.31 13.18 -10.23
N HIS C 52 17.06 13.71 -11.20
CA HIS C 52 17.47 15.10 -11.13
C HIS C 52 16.26 16.03 -11.12
N THR C 53 15.30 15.80 -12.02
CA THR C 53 14.13 16.66 -12.08
C THR C 53 13.29 16.54 -10.80
N ALA C 54 13.09 15.31 -10.33
CA ALA C 54 12.30 15.12 -9.11
C ALA C 54 12.96 15.82 -7.92
N LEU C 55 14.27 15.67 -7.78
CA LEU C 55 14.97 16.32 -6.69
C LEU C 55 14.91 17.83 -6.82
N ARG C 56 15.08 18.35 -8.05
CA ARG C 56 14.98 19.79 -8.28
C ARG C 56 13.65 20.32 -7.80
N GLN C 57 12.56 19.64 -8.16
CA GLN C 57 11.24 20.10 -7.73
C GLN C 57 11.08 19.96 -6.22
N ALA C 58 11.63 18.89 -5.64
CA ALA C 58 11.46 18.66 -4.21
C ALA C 58 12.12 19.76 -3.38
N ILE C 59 13.35 20.15 -3.74
CA ILE C 59 14.02 21.15 -2.92
C ILE C 59 13.30 22.49 -3.04
N LEU C 60 12.83 22.83 -4.24
CA LEU C 60 12.07 24.06 -4.41
C LEU C 60 10.79 24.04 -3.58
N CYS C 61 10.10 22.90 -3.56
CA CYS C 61 8.91 22.78 -2.74
C CYS C 61 9.22 22.97 -1.26
N TRP C 62 10.26 22.31 -0.77
CA TRP C 62 10.63 22.47 0.63
C TRP C 62 10.98 23.93 0.94
N GLY C 63 11.65 24.60 0.00
CA GLY C 63 11.97 26.01 0.19
C GLY C 63 10.72 26.87 0.25
N ASP C 64 9.73 26.56 -0.59
CA ASP C 64 8.46 27.30 -0.54
C ASP C 64 7.78 27.09 0.80
N LEU C 65 7.85 25.89 1.37
CA LEU C 65 7.18 25.60 2.67
C LEU C 65 7.98 26.27 3.80
N MET C 66 9.29 26.40 3.66
CA MET C 66 10.17 27.07 4.66
C MET C 66 9.95 28.59 4.62
N THR C 67 9.73 29.17 3.44
CA THR C 67 9.46 30.60 3.31
C THR C 67 8.12 30.95 3.94
N LEU C 68 7.11 30.11 3.73
CA LEU C 68 5.82 30.33 4.37
C LEU C 68 5.95 30.29 5.88
N ALA C 69 6.70 29.32 6.40
CA ALA C 69 6.89 29.22 7.84
C ALA C 69 7.58 30.47 8.39
N THR C 70 8.63 30.93 7.70
CA THR C 70 9.33 32.12 8.16
C THR C 70 8.43 33.35 8.11
N TRP C 71 7.62 33.48 7.05
CA TRP C 71 6.68 34.59 6.98
C TRP C 71 5.72 34.55 8.16
N VAL C 72 5.23 33.35 8.50
CA VAL C 72 4.36 33.20 9.66
C VAL C 72 5.07 33.67 10.91
N GLY C 73 6.34 33.28 11.07
CA GLY C 73 7.08 33.64 12.27
C GLY C 73 7.23 35.14 12.44
N THR C 74 7.63 35.83 11.36
CA THR C 74 7.87 37.27 11.45
C THR C 74 6.57 38.06 11.52
N ASN C 75 5.52 37.60 10.84
CA ASN C 75 4.28 38.36 10.75
C ASN C 75 3.39 38.18 11.97
N LEU C 76 3.18 36.95 12.44
CA LEU C 76 2.26 36.69 13.54
C LEU C 76 2.86 37.14 14.86
N GLU C 77 2.06 37.85 15.65
CA GLU C 77 2.51 38.30 16.97
C GLU C 77 2.26 37.24 18.04
N ASP C 78 1.22 36.44 17.86
CA ASP C 78 0.85 35.45 18.88
C ASP C 78 1.94 34.39 19.01
N PRO C 79 2.52 34.19 20.20
CA PRO C 79 3.52 33.12 20.33
C PRO C 79 2.97 31.74 20.04
N ALA C 80 1.70 31.49 20.41
CA ALA C 80 1.14 30.16 20.22
C ALA C 80 1.09 29.77 18.76
N SER C 81 0.54 30.65 17.91
CA SER C 81 0.44 30.34 16.49
C SER C 81 1.82 30.19 15.87
N ARG C 82 2.75 31.08 16.22
CA ARG C 82 4.10 30.99 15.69
C ARG C 82 4.72 29.64 16.01
N ASP C 83 4.71 29.27 17.30
CA ASP C 83 5.32 28.02 17.72
C ASP C 83 4.66 26.83 17.05
N LEU C 84 3.33 26.81 17.04
CA LEU C 84 2.63 25.67 16.46
C LEU C 84 2.92 25.53 14.98
N VAL C 85 2.93 26.64 14.24
CA VAL C 85 3.16 26.56 12.80
C VAL C 85 4.59 26.15 12.49
N VAL C 86 5.56 26.74 13.20
CA VAL C 86 6.95 26.39 12.93
C VAL C 86 7.23 24.94 13.32
N SER C 87 6.60 24.42 14.36
CA SER C 87 6.74 23.00 14.66
C SER C 87 6.08 22.15 13.58
N TYR C 88 4.84 22.50 13.20
CA TYR C 88 4.09 21.69 12.25
C TYR C 88 4.84 21.56 10.93
N VAL C 89 5.41 22.66 10.45
CA VAL C 89 6.18 22.59 9.21
C VAL C 89 7.38 21.67 9.39
N ASN C 90 7.96 21.63 10.58
CA ASN C 90 9.21 20.94 10.81
C ASN C 90 9.02 19.46 11.13
N THR C 91 8.05 19.12 11.99
CA THR C 91 7.92 17.75 12.46
C THR C 91 6.88 16.95 11.67
N ASN C 92 5.72 17.55 11.40
CA ASN C 92 4.62 16.77 10.83
C ASN C 92 4.86 16.43 9.36
N VAL C 93 5.36 17.38 8.58
CA VAL C 93 5.70 17.13 7.18
C VAL C 93 7.20 16.94 6.97
N GLY C 94 8.01 17.23 7.99
CA GLY C 94 9.44 17.01 7.88
C GLY C 94 9.77 15.56 7.61
N LEU C 95 9.04 14.64 8.23
CA LEU C 95 9.29 13.23 7.98
C LEU C 95 9.07 12.88 6.51
N LYS C 96 7.94 13.30 5.96
CA LYS C 96 7.63 12.99 4.57
C LYS C 96 8.68 13.59 3.64
N PHE C 97 9.06 14.84 3.83
CA PHE C 97 10.04 15.52 2.94
C PHE C 97 11.43 14.95 3.16
N ARG C 98 11.74 14.51 4.38
CA ARG C 98 13.06 13.90 4.71
C ARG C 98 13.17 12.54 4.01
N GLN C 99 12.04 11.85 3.84
CA GLN C 99 12.01 10.50 3.20
C GLN C 99 12.01 10.69 1.68
N LEU C 100 11.36 11.73 1.19
CA LEU C 100 11.40 12.01 -0.24
C LEU C 100 12.81 12.38 -0.71
N LEU C 101 13.46 13.30 0.00
CA LEU C 101 14.81 13.70 -0.38
C LEU C 101 15.79 12.52 -0.29
N TRP C 102 15.67 11.73 0.77
CA TRP C 102 16.60 10.63 0.98
C TRP C 102 16.50 9.61 -0.15
N PHE C 103 15.28 9.27 -0.54
CA PHE C 103 15.12 8.29 -1.62
C PHE C 103 15.89 8.73 -2.86
N HIS C 104 15.68 9.96 -3.31
CA HIS C 104 16.30 10.43 -4.55
C HIS C 104 17.81 10.54 -4.40
N ILE C 105 18.29 11.07 -3.27
CA ILE C 105 19.73 11.27 -3.11
C ILE C 105 20.45 9.92 -3.09
N SER C 106 19.92 8.96 -2.33
CA SER C 106 20.51 7.63 -2.32
C SER C 106 20.43 6.98 -3.69
N CYS C 107 19.30 7.18 -4.39
CA CYS C 107 19.17 6.62 -5.73
C CYS C 107 20.24 7.14 -6.67
N LEU C 108 20.51 8.44 -6.62
CA LEU C 108 21.56 9.01 -7.44
C LEU C 108 22.93 8.46 -7.05
N THR C 109 23.26 8.47 -5.77
CA THR C 109 24.62 8.07 -5.31
C THR C 109 24.88 6.61 -5.64
N PHE C 110 24.02 5.69 -5.24
CA PHE C 110 24.33 4.24 -5.37
C PHE C 110 23.60 3.60 -6.54
N GLY C 111 22.64 4.28 -7.18
CA GLY C 111 21.79 3.63 -8.17
C GLY C 111 20.47 3.18 -7.58
N ARG C 112 19.39 3.33 -8.36
CA ARG C 112 18.02 3.04 -7.88
C ARG C 112 17.88 1.59 -7.41
N GLU C 113 18.47 0.64 -8.13
CA GLU C 113 18.37 -0.81 -7.81
C GLU C 113 18.98 -1.06 -6.43
N THR C 114 20.07 -0.37 -6.09
CA THR C 114 20.69 -0.50 -4.79
C THR C 114 19.77 0.00 -3.68
N VAL C 115 19.14 1.15 -3.89
CA VAL C 115 18.23 1.69 -2.87
C VAL C 115 17.04 0.77 -2.68
N LEU C 116 16.48 0.25 -3.78
CA LEU C 116 15.33 -0.63 -3.66
C LEU C 116 15.67 -1.89 -2.87
N GLU C 117 16.86 -2.45 -3.16
CA GLU C 117 17.33 -3.68 -2.47
C GLU C 117 17.58 -3.36 -1.00
N TYR C 118 18.16 -2.20 -0.68
CA TYR C 118 18.46 -1.82 0.69
C TYR C 118 17.19 -1.59 1.49
N LEU C 119 16.16 -1.03 0.86
CA LEU C 119 14.93 -0.76 1.59
C LEU C 119 14.35 -2.05 2.17
N VAL C 120 14.16 -3.06 1.32
CA VAL C 120 13.62 -4.33 1.80
C VAL C 120 14.57 -4.99 2.78
N SER C 121 15.88 -4.95 2.50
CA SER C 121 16.84 -5.60 3.38
C SER C 121 16.75 -5.03 4.79
N PHE C 122 16.83 -3.70 4.92
CA PHE C 122 16.80 -3.09 6.24
C PHE C 122 15.43 -3.25 6.88
N GLY C 123 14.36 -3.16 6.09
CA GLY C 123 13.04 -3.35 6.66
C GLY C 123 12.86 -4.72 7.26
N VAL C 124 13.45 -5.73 6.64
CA VAL C 124 13.39 -7.14 7.14
C VAL C 124 14.32 -7.25 8.35
N TRP C 125 15.48 -6.58 8.32
CA TRP C 125 16.51 -6.66 9.39
C TRP C 125 15.99 -6.02 10.67
N ILE C 126 15.16 -4.97 10.58
CA ILE C 126 14.67 -4.21 11.77
C ILE C 126 13.60 -5.03 12.51
N ARG C 127 13.01 -6.04 11.87
CA ARG C 127 11.88 -6.81 12.46
C ARG C 127 12.32 -8.17 12.99
N THR C 128 13.52 -8.67 12.63
CA THR C 128 14.00 -9.93 13.17
C THR C 128 14.53 -9.71 14.59
N PRO C 129 14.36 -10.68 15.48
CA PRO C 129 14.89 -10.52 16.84
C PRO C 129 16.39 -10.42 16.84
N PRO C 130 16.98 -9.68 17.80
CA PRO C 130 18.43 -9.44 17.74
C PRO C 130 19.25 -10.71 17.80
N ALA C 131 18.84 -11.72 18.56
CA ALA C 131 19.63 -12.93 18.72
C ALA C 131 19.62 -13.81 17.48
N TYR C 132 18.79 -13.52 16.49
CA TYR C 132 18.67 -14.33 15.29
C TYR C 132 18.94 -13.50 14.04
N ARG C 133 19.57 -12.34 14.21
CA ARG C 133 19.92 -11.45 13.08
C ARG C 133 21.37 -10.98 13.27
N PRO C 134 22.13 -10.66 12.21
CA PRO C 134 23.50 -10.14 12.36
C PRO C 134 23.50 -8.93 13.27
N PRO C 135 24.49 -8.82 14.18
CA PRO C 135 24.50 -7.68 15.11
C PRO C 135 24.55 -6.33 14.42
N ASN C 136 25.22 -6.22 13.28
CA ASN C 136 25.39 -4.96 12.57
C ASN C 136 24.45 -4.90 11.38
N ALA C 137 23.75 -3.79 11.23
CA ALA C 137 22.72 -3.66 10.22
C ALA C 137 23.33 -3.41 8.84
N PRO C 138 22.55 -3.61 7.77
CA PRO C 138 23.08 -3.37 6.42
C PRO C 138 23.33 -1.89 6.18
N ILE C 139 24.22 -1.61 5.22
CA ILE C 139 24.55 -0.26 4.81
C ILE C 139 24.80 -0.26 3.32
N LEU C 140 24.45 0.85 2.67
CA LEU C 140 24.58 0.94 1.22
C LEU C 140 26.04 0.87 0.80
N SER C 141 26.28 0.34 -0.39
CA SER C 141 27.61 0.24 -0.95
C SER C 141 27.51 -0.12 -2.42
N THR C 142 28.62 0.01 -3.13
CA THR C 142 28.67 -0.30 -4.55
C THR C 142 29.87 -1.18 -4.88
N MET D 1 19.69 32.01 -2.99
CA MET D 1 19.12 30.68 -3.33
C MET D 1 18.37 30.73 -4.65
N ASP D 2 19.08 30.45 -5.74
CA ASP D 2 18.52 30.51 -7.08
C ASP D 2 18.52 29.09 -7.67
N ILE D 3 17.37 28.44 -7.63
CA ILE D 3 17.15 27.16 -8.28
C ILE D 3 15.99 27.37 -9.24
N ASP D 4 16.30 27.62 -10.52
CA ASP D 4 15.27 27.98 -11.47
C ASP D 4 14.50 26.72 -11.86
N PRO D 5 13.20 26.65 -11.55
CA PRO D 5 12.43 25.45 -11.94
C PRO D 5 12.32 25.27 -13.45
N TYR D 6 12.27 26.36 -14.22
CA TYR D 6 12.02 26.28 -15.69
C TYR D 6 13.33 26.32 -16.47
N LYS D 7 14.49 26.43 -15.81
CA LYS D 7 15.78 26.61 -16.51
C LYS D 7 16.27 25.32 -17.16
N GLU D 8 15.60 24.20 -16.93
CA GLU D 8 15.98 22.91 -17.55
C GLU D 8 15.22 22.72 -18.85
N PHE D 9 14.08 23.40 -19.04
CA PHE D 9 13.38 23.31 -20.31
C PHE D 9 13.63 24.49 -21.23
N GLY D 10 14.42 25.47 -20.81
CA GLY D 10 14.79 26.60 -21.63
C GLY D 10 14.30 27.95 -21.11
N ALA D 11 13.09 28.01 -20.59
CA ALA D 11 12.57 29.27 -20.07
C ALA D 11 13.11 29.52 -18.67
N THR D 12 12.90 30.74 -18.19
CA THR D 12 13.32 31.14 -16.86
C THR D 12 12.22 31.95 -16.20
N VAL D 13 12.27 32.04 -14.87
CA VAL D 13 11.28 32.83 -14.15
C VAL D 13 11.31 34.27 -14.63
N GLU D 14 12.50 34.79 -14.97
CA GLU D 14 12.57 36.13 -15.53
C GLU D 14 11.85 36.20 -16.88
N LEU D 15 12.02 35.18 -17.71
CA LEU D 15 11.32 35.16 -18.99
C LEU D 15 9.81 35.10 -18.79
N LEU D 16 9.35 34.30 -17.83
CA LEU D 16 7.91 34.21 -17.58
C LEU D 16 7.41 35.43 -16.82
N SER D 17 8.31 36.29 -16.34
CA SER D 17 7.88 37.53 -15.71
C SER D 17 7.33 38.53 -16.71
N PHE D 18 7.49 38.27 -18.01
CA PHE D 18 6.93 39.18 -19.02
C PHE D 18 5.42 39.26 -18.89
N LEU D 19 4.75 38.12 -18.76
CA LEU D 19 3.27 38.03 -18.75
C LEU D 19 2.71 38.75 -17.52
N PRO D 20 1.69 39.62 -17.64
CA PRO D 20 1.07 40.24 -16.46
C PRO D 20 0.50 39.18 -15.52
N SER D 21 0.58 39.46 -14.22
CA SER D 21 0.17 38.49 -13.22
C SER D 21 -1.27 38.02 -13.40
N ASP D 22 -2.18 38.88 -13.85
CA ASP D 22 -3.58 38.51 -14.01
C ASP D 22 -3.82 37.67 -15.25
N PHE D 23 -2.84 37.53 -16.13
CA PHE D 23 -3.04 36.76 -17.36
C PHE D 23 -3.33 35.30 -17.07
N PHE D 24 -2.63 34.72 -16.09
CA PHE D 24 -2.76 33.30 -15.83
C PHE D 24 -4.16 32.99 -15.31
N PRO D 25 -4.70 31.81 -15.62
CA PRO D 25 -6.02 31.44 -15.08
C PRO D 25 -5.95 31.02 -13.63
N SER D 26 -7.10 30.77 -13.01
CA SER D 26 -7.12 30.25 -11.66
C SER D 26 -6.60 28.80 -11.65
N VAL D 27 -6.17 28.35 -10.47
CA VAL D 27 -5.52 27.05 -10.39
C VAL D 27 -6.51 25.94 -10.75
N ARG D 28 -7.75 26.06 -10.27
CA ARG D 28 -8.75 25.03 -10.55
C ARG D 28 -8.92 24.81 -12.05
N ASP D 29 -8.83 25.88 -12.83
CA ASP D 29 -8.94 25.74 -14.29
C ASP D 29 -7.81 24.86 -14.83
N LEU D 30 -6.58 25.09 -14.36
CA LEU D 30 -5.46 24.30 -14.85
C LEU D 30 -5.53 22.86 -14.39
N LEU D 31 -5.97 22.62 -13.15
CA LEU D 31 -6.14 21.25 -12.69
C LEU D 31 -7.21 20.53 -13.49
N ASP D 32 -8.32 21.21 -13.79
CA ASP D 32 -9.34 20.64 -14.65
C ASP D 32 -8.79 20.35 -16.04
N THR D 33 -7.98 21.25 -16.57
CA THR D 33 -7.39 21.03 -17.89
C THR D 33 -6.51 19.78 -17.88
N ALA D 34 -5.68 19.63 -16.84
CA ALA D 34 -4.85 18.44 -16.75
C ALA D 34 -5.69 17.18 -16.66
N ALA D 35 -6.71 17.20 -15.79
CA ALA D 35 -7.59 16.03 -15.66
C ALA D 35 -8.29 15.70 -16.96
N ALA D 36 -8.52 16.72 -17.80
CA ALA D 36 -9.14 16.53 -19.12
C ALA D 36 -8.06 16.30 -20.18
N LEU D 37 -6.80 16.67 -19.88
CA LEU D 37 -5.67 16.51 -20.83
C LEU D 37 -4.63 15.54 -20.24
N TYR D 38 -4.35 14.43 -20.91
CA TYR D 38 -3.27 13.47 -20.51
C TYR D 38 -3.34 13.17 -19.01
N ARG D 39 -4.52 13.18 -18.40
CA ARG D 39 -4.65 12.79 -16.97
C ARG D 39 -4.33 11.30 -16.88
N ASP D 40 -4.61 10.54 -17.94
CA ASP D 40 -4.29 9.10 -18.00
C ASP D 40 -2.76 8.96 -18.01
N ALA D 41 -2.06 9.77 -18.81
CA ALA D 41 -0.58 9.76 -18.87
C ALA D 41 -0.01 10.15 -17.50
N LEU D 42 -0.70 11.03 -16.77
CA LEU D 42 -0.21 11.55 -15.46
C LEU D 42 -0.51 10.54 -14.34
N GLU D 43 -1.46 9.62 -14.53
CA GLU D 43 -1.77 8.58 -13.51
C GLU D 43 -1.03 7.28 -13.85
N SER D 44 -0.42 7.19 -15.03
CA SER D 44 0.32 6.02 -15.47
C SER D 44 1.77 6.07 -14.98
N PRO D 45 2.40 4.90 -14.74
CA PRO D 45 3.82 4.85 -14.37
C PRO D 45 4.75 4.78 -15.58
N GLU D 46 4.81 5.86 -16.35
CA GLU D 46 5.69 5.96 -17.51
C GLU D 46 6.59 7.19 -17.39
N HIS D 47 7.75 7.11 -18.05
CA HIS D 47 8.58 8.29 -18.34
C HIS D 47 8.10 8.97 -19.62
N CYS D 48 6.84 9.40 -19.60
CA CYS D 48 6.24 9.95 -20.82
C CYS D 48 7.05 11.13 -21.33
N SER D 49 7.52 12.00 -20.44
CA SER D 49 8.34 13.14 -20.84
C SER D 49 8.84 13.90 -19.63
N PRO D 50 9.88 14.73 -19.76
CA PRO D 50 10.32 15.55 -18.63
C PRO D 50 9.21 16.43 -18.08
N HIS D 51 8.32 16.93 -18.94
CA HIS D 51 7.18 17.71 -18.46
C HIS D 51 6.27 16.85 -17.59
N HIS D 52 6.04 15.60 -18.00
CA HIS D 52 5.19 14.71 -17.20
C HIS D 52 5.78 14.46 -15.82
N THR D 53 7.10 14.26 -15.75
CA THR D 53 7.74 14.04 -14.45
C THR D 53 7.66 15.29 -13.58
N ALA D 54 8.06 16.43 -14.14
CA ALA D 54 8.00 17.68 -13.38
C ALA D 54 6.57 18.04 -13.01
N LEU D 55 5.65 17.89 -13.96
CA LEU D 55 4.24 18.19 -13.69
C LEU D 55 3.69 17.28 -12.61
N ARG D 56 4.04 15.99 -12.65
CA ARG D 56 3.53 15.06 -11.65
C ARG D 56 3.95 15.48 -10.25
N GLN D 57 5.13 16.09 -10.12
CA GLN D 57 5.56 16.60 -8.82
C GLN D 57 4.84 17.89 -8.46
N ALA D 58 4.53 18.71 -9.46
CA ALA D 58 3.92 20.01 -9.20
C ALA D 58 2.53 19.86 -8.59
N ILE D 59 1.72 18.98 -9.19
CA ILE D 59 0.32 18.76 -8.73
C ILE D 59 0.32 18.20 -7.30
N LEU D 60 1.43 17.62 -6.84
CA LEU D 60 1.45 16.99 -5.52
C LEU D 60 1.71 18.01 -4.41
N CYS D 61 2.70 18.88 -4.58
CA CYS D 61 2.87 19.98 -3.63
C CYS D 61 1.60 20.77 -3.49
N TRP D 62 1.09 21.31 -4.60
CA TRP D 62 -0.17 22.10 -4.61
C TRP D 62 -1.19 21.37 -3.75
N GLY D 63 -1.34 20.06 -3.94
CA GLY D 63 -2.23 19.23 -3.15
C GLY D 63 -1.86 19.27 -1.68
N ASP D 64 -0.57 19.11 -1.38
CA ASP D 64 -0.12 19.15 0.01
C ASP D 64 -0.40 20.51 0.62
N LEU D 65 -0.14 21.60 -0.12
CA LEU D 65 -0.33 22.93 0.43
C LEU D 65 -1.79 23.19 0.75
N MET D 66 -2.70 22.67 -0.06
CA MET D 66 -4.12 22.83 0.22
C MET D 66 -4.51 22.12 1.52
N THR D 67 -3.99 20.90 1.73
CA THR D 67 -4.34 20.17 2.94
C THR D 67 -3.98 21.00 4.17
N LEU D 68 -2.91 21.80 4.07
CA LEU D 68 -2.61 22.76 5.12
C LEU D 68 -3.72 23.79 5.23
N ALA D 69 -4.14 24.37 4.10
CA ALA D 69 -5.22 25.35 4.12
C ALA D 69 -6.50 24.73 4.67
N THR D 70 -6.87 23.55 4.17
CA THR D 70 -8.03 22.85 4.72
C THR D 70 -7.80 22.48 6.17
N TRP D 71 -6.58 22.06 6.51
CA TRP D 71 -6.24 21.78 7.90
C TRP D 71 -6.39 23.04 8.76
N VAL D 72 -5.95 24.17 8.22
CA VAL D 72 -6.03 25.47 8.95
C VAL D 72 -7.49 25.84 9.12
N GLY D 73 -8.34 25.58 8.12
CA GLY D 73 -9.73 26.00 8.17
C GLY D 73 -10.51 25.36 9.30
N THR D 74 -10.28 24.08 9.56
CA THR D 74 -11.06 23.34 10.56
C THR D 74 -10.40 23.38 11.94
N ASN D 75 -9.07 23.29 12.02
CA ASN D 75 -8.40 23.12 13.29
C ASN D 75 -7.99 24.44 13.94
N LEU D 76 -7.58 25.42 13.13
CA LEU D 76 -7.14 26.73 13.67
C LEU D 76 -8.25 27.27 14.56
N GLU D 77 -7.96 28.22 15.45
CA GLU D 77 -8.94 28.74 16.42
C GLU D 77 -9.45 30.12 15.99
N ASP D 78 -8.63 30.93 15.30
CA ASP D 78 -9.01 32.30 14.96
C ASP D 78 -9.45 32.36 13.51
N PRO D 79 -10.72 32.63 13.22
CA PRO D 79 -11.14 32.75 11.81
C PRO D 79 -10.37 33.83 11.06
N ALA D 80 -10.00 34.91 11.73
CA ALA D 80 -9.23 35.96 11.07
C ALA D 80 -7.91 35.41 10.55
N SER D 81 -7.18 34.67 11.38
CA SER D 81 -5.91 34.09 10.94
C SER D 81 -6.14 33.02 9.87
N ARG D 82 -7.24 32.27 9.98
CA ARG D 82 -7.57 31.30 8.95
C ARG D 82 -7.69 31.99 7.59
N ASP D 83 -8.47 33.07 7.53
CA ASP D 83 -8.60 33.82 6.29
C ASP D 83 -7.28 34.40 5.84
N LEU D 84 -6.51 34.96 6.78
CA LEU D 84 -5.20 35.52 6.43
C LEU D 84 -4.35 34.49 5.70
N VAL D 85 -4.19 33.30 6.31
CA VAL D 85 -3.34 32.28 5.72
C VAL D 85 -3.91 31.72 4.42
N VAL D 86 -5.22 31.47 4.35
CA VAL D 86 -5.80 30.91 3.13
C VAL D 86 -5.65 31.89 1.97
N SER D 87 -5.98 33.15 2.19
CA SER D 87 -5.83 34.16 1.13
C SER D 87 -4.37 34.37 0.79
N TYR D 88 -3.47 34.33 1.77
CA TYR D 88 -2.06 34.43 1.48
C TYR D 88 -1.62 33.31 0.55
N VAL D 89 -2.04 32.08 0.85
CA VAL D 89 -1.70 30.90 -0.01
C VAL D 89 -2.26 31.14 -1.41
N ASN D 90 -3.52 31.57 -1.53
CA ASN D 90 -4.16 31.73 -2.83
C ASN D 90 -3.49 32.81 -3.67
N THR D 91 -3.06 33.90 -3.04
CA THR D 91 -2.59 35.04 -3.82
C THR D 91 -1.08 35.02 -4.02
N ASN D 92 -0.34 34.69 -2.96
CA ASN D 92 1.15 34.68 -2.99
C ASN D 92 1.65 33.44 -3.73
N VAL D 93 1.31 32.25 -3.24
CA VAL D 93 1.85 31.02 -3.81
C VAL D 93 1.04 30.61 -5.05
N GLY D 94 -0.18 31.13 -5.15
CA GLY D 94 -1.03 30.86 -6.30
C GLY D 94 -0.39 31.34 -7.58
N LEU D 95 0.22 32.52 -7.58
CA LEU D 95 0.86 33.02 -8.80
C LEU D 95 1.93 32.04 -9.26
N LYS D 96 2.80 31.61 -8.36
CA LYS D 96 3.89 30.72 -8.73
C LYS D 96 3.35 29.40 -9.27
N PHE D 97 2.38 28.80 -8.57
CA PHE D 97 1.89 27.49 -8.99
C PHE D 97 1.10 27.58 -10.29
N ARG D 98 0.30 28.64 -10.45
CA ARG D 98 -0.39 28.85 -11.71
C ARG D 98 0.60 28.99 -12.85
N GLN D 99 1.67 29.77 -12.63
CA GLN D 99 2.65 29.98 -13.68
C GLN D 99 3.32 28.67 -14.08
N LEU D 100 3.76 27.89 -13.10
CA LEU D 100 4.43 26.63 -13.40
C LEU D 100 3.50 25.64 -14.10
N LEU D 101 2.28 25.48 -13.58
CA LEU D 101 1.35 24.56 -14.21
C LEU D 101 0.97 25.00 -15.62
N TRP D 102 0.77 26.31 -15.83
CA TRP D 102 0.50 26.80 -17.18
C TRP D 102 1.66 26.49 -18.12
N PHE D 103 2.90 26.76 -17.68
CA PHE D 103 4.04 26.49 -18.53
C PHE D 103 4.17 25.01 -18.87
N HIS D 104 3.81 24.12 -17.96
CA HIS D 104 3.88 22.70 -18.28
C HIS D 104 2.73 22.24 -19.18
N ILE D 105 1.50 22.65 -18.88
CA ILE D 105 0.36 22.22 -19.69
C ILE D 105 0.49 22.74 -21.11
N SER D 106 0.86 24.01 -21.27
CA SER D 106 1.01 24.57 -22.60
C SER D 106 2.10 23.86 -23.39
N CYS D 107 3.22 23.56 -22.74
CA CYS D 107 4.29 22.83 -23.42
C CYS D 107 3.82 21.44 -23.84
N LEU D 108 3.06 20.76 -22.97
CA LEU D 108 2.53 19.45 -23.36
C LEU D 108 1.62 19.56 -24.58
N THR D 109 0.70 20.53 -24.56
CA THR D 109 -0.30 20.60 -25.61
C THR D 109 0.29 21.05 -26.94
N PHE D 110 1.10 22.11 -26.93
CA PHE D 110 1.54 22.75 -28.16
C PHE D 110 3.01 22.55 -28.47
N GLY D 111 3.79 22.03 -27.52
CA GLY D 111 5.23 21.88 -27.74
C GLY D 111 5.98 23.07 -27.17
N ARG D 112 7.09 22.80 -26.47
CA ARG D 112 7.79 23.87 -25.76
C ARG D 112 8.32 24.93 -26.71
N GLU D 113 8.68 24.56 -27.93
CA GLU D 113 9.14 25.56 -28.89
C GLU D 113 8.05 26.59 -29.15
N THR D 114 6.82 26.12 -29.40
CA THR D 114 5.71 27.03 -29.61
C THR D 114 5.44 27.87 -28.37
N VAL D 115 5.58 27.29 -27.18
CA VAL D 115 5.35 28.05 -25.95
C VAL D 115 6.38 29.17 -25.81
N LEU D 116 7.66 28.87 -26.09
CA LEU D 116 8.69 29.89 -25.98
C LEU D 116 8.50 31.00 -27.01
N GLU D 117 8.15 30.64 -28.25
CA GLU D 117 7.86 31.65 -29.25
C GLU D 117 6.66 32.50 -28.85
N TYR D 118 5.63 31.87 -28.25
CA TYR D 118 4.49 32.62 -27.75
C TYR D 118 4.92 33.59 -26.66
N LEU D 119 5.81 33.15 -25.77
CA LEU D 119 6.26 34.03 -24.70
C LEU D 119 7.02 35.23 -25.25
N VAL D 120 7.86 35.00 -26.27
CA VAL D 120 8.57 36.10 -26.90
C VAL D 120 7.57 37.06 -27.54
N SER D 121 6.58 36.49 -28.26
CA SER D 121 5.53 37.29 -28.94
C SER D 121 4.70 38.02 -27.89
N PHE D 122 4.50 37.42 -26.72
CA PHE D 122 3.72 38.02 -25.60
C PHE D 122 4.51 39.20 -25.04
N GLY D 123 5.81 39.01 -24.77
CA GLY D 123 6.66 40.08 -24.23
C GLY D 123 6.74 41.25 -25.19
N VAL D 124 6.65 40.98 -26.50
CA VAL D 124 6.70 42.04 -27.56
C VAL D 124 5.38 42.80 -27.54
N TRP D 125 4.25 42.09 -27.41
CA TRP D 125 2.93 42.71 -27.38
C TRP D 125 2.78 43.67 -26.20
N ILE D 126 3.23 43.24 -25.02
CA ILE D 126 2.98 44.03 -23.81
C ILE D 126 3.84 45.28 -23.74
N ARG D 127 4.93 45.35 -24.52
CA ARG D 127 5.79 46.51 -24.46
C ARG D 127 5.10 47.75 -25.04
N THR D 128 4.50 47.62 -26.22
CA THR D 128 4.01 48.79 -26.93
C THR D 128 2.89 49.46 -26.12
N PRO D 129 2.80 50.79 -26.15
CA PRO D 129 1.74 51.49 -25.41
C PRO D 129 0.37 51.05 -25.89
N PRO D 130 -0.65 51.15 -25.03
CA PRO D 130 -2.00 50.72 -25.45
C PRO D 130 -2.53 51.47 -26.66
N ALA D 131 -2.10 52.70 -26.90
CA ALA D 131 -2.62 53.46 -28.02
C ALA D 131 -2.35 52.76 -29.35
N TYR D 132 -1.12 52.27 -29.54
CA TYR D 132 -0.75 51.56 -30.75
C TYR D 132 -0.80 50.05 -30.61
N ARG D 133 -1.22 49.53 -29.47
CA ARG D 133 -1.25 48.09 -29.27
C ARG D 133 -2.40 47.48 -30.06
N PRO D 134 -2.14 46.55 -30.98
CA PRO D 134 -3.24 45.94 -31.73
C PRO D 134 -4.15 45.15 -30.82
N PRO D 135 -5.46 45.16 -31.07
CA PRO D 135 -6.38 44.42 -30.19
C PRO D 135 -6.22 42.91 -30.25
N ASN D 136 -5.61 42.38 -31.31
CA ASN D 136 -5.51 40.94 -31.50
C ASN D 136 -4.27 40.43 -30.77
N ALA D 137 -4.46 40.08 -29.50
CA ALA D 137 -3.37 39.57 -28.70
C ALA D 137 -3.00 38.15 -29.16
N PRO D 138 -1.74 37.75 -29.02
CA PRO D 138 -1.35 36.38 -29.39
C PRO D 138 -2.11 35.35 -28.57
N ILE D 139 -2.49 34.25 -29.22
CA ILE D 139 -3.15 33.12 -28.58
C ILE D 139 -2.56 31.85 -29.16
N LEU D 140 -2.43 30.82 -28.32
CA LEU D 140 -1.82 29.57 -28.75
C LEU D 140 -2.83 28.72 -29.50
N SER D 141 -2.40 28.15 -30.62
CA SER D 141 -3.22 27.22 -31.39
C SER D 141 -2.32 26.45 -32.34
N THR D 142 -2.86 25.37 -32.90
CA THR D 142 -2.10 24.52 -33.82
C THR D 142 -2.11 25.14 -35.21
N LEU D 143 -0.98 25.69 -35.62
CA LEU D 143 -0.84 26.30 -36.94
C LEU D 143 0.62 26.53 -37.28
#